data_4B5C
#
_entry.id   4B5C
#
_cell.length_a   101.940
_cell.length_b   74.950
_cell.length_c   72.920
_cell.angle_alpha   90.00
_cell.angle_beta   135.28
_cell.angle_gamma   90.00
#
_symmetry.space_group_name_H-M   'C 1 2 1'
#
loop_
_entity.id
_entity.type
_entity.pdbx_description
1 polymer 'PUTATIVE OMPA FAMILY LIPOPROTEIN'
2 non-polymer 'ACETATE ION'
3 water water
#
_entity_poly.entity_id   1
_entity_poly.type   'polypeptide(L)'
_entity_poly.pdbx_seq_one_letter_code
;GSHAVSTQPNPENVAQVTVDPLNDPNSPLAKRSVYFDFDSYSVQDQYQALLQQHAQYLKSHPQRHILIQGNTDERGTSEY
NLALGQKRAEAVRRALSLLGVGDAQMEAVSLGKEKPVALGHDEASWAQNRRADLVYQQ
;
_entity_poly.pdbx_strand_id   A,B,C
#
# COMPACT_ATOMS: atom_id res chain seq x y z
N ASP A 20 13.46 -15.27 24.26
CA ASP A 20 12.81 -14.56 23.16
C ASP A 20 12.60 -13.09 23.50
N PRO A 21 13.33 -12.20 22.80
CA PRO A 21 13.27 -10.76 23.06
C PRO A 21 11.88 -10.19 22.81
N LEU A 22 11.03 -10.96 22.14
CA LEU A 22 9.67 -10.52 21.87
C LEU A 22 8.85 -10.47 23.16
N ASN A 23 9.35 -11.15 24.18
CA ASN A 23 8.73 -11.11 25.51
C ASN A 23 9.50 -10.21 26.46
N ASP A 24 10.64 -9.71 25.99
CA ASP A 24 11.48 -8.82 26.78
C ASP A 24 10.98 -7.39 26.68
N PRO A 25 10.71 -6.76 27.83
CA PRO A 25 10.22 -5.39 27.90
C PRO A 25 11.33 -4.36 27.71
N ASN A 26 12.58 -4.79 27.81
CA ASN A 26 13.72 -3.91 27.65
C ASN A 26 14.41 -4.03 26.29
N SER A 27 13.75 -4.74 25.36
CA SER A 27 14.28 -4.90 24.02
C SER A 27 13.62 -3.91 23.07
N PRO A 28 14.33 -3.51 22.01
CA PRO A 28 13.77 -2.62 20.98
C PRO A 28 12.45 -3.18 20.45
N LEU A 29 12.30 -4.50 20.50
CA LEU A 29 11.09 -5.16 20.01
C LEU A 29 9.88 -4.86 20.88
N ALA A 30 10.10 -4.19 22.01
CA ALA A 30 9.02 -3.80 22.89
C ALA A 30 8.21 -2.67 22.27
N LYS A 31 8.89 -1.80 21.52
CA LYS A 31 8.23 -0.71 20.81
C LYS A 31 7.59 -1.24 19.53
N ARG A 32 6.27 -1.14 19.43
CA ARG A 32 5.55 -1.76 18.32
C ARG A 32 4.48 -0.83 17.72
N SER A 33 4.70 0.47 17.78
CA SER A 33 3.75 1.42 17.22
C SER A 33 4.42 2.49 16.35
N VAL A 34 3.84 2.74 15.18
CA VAL A 34 4.30 3.79 14.29
C VAL A 34 3.23 4.87 14.21
N TYR A 35 3.62 6.11 14.51
CA TYR A 35 2.69 7.23 14.51
C TYR A 35 2.82 8.09 13.26
N PHE A 36 1.72 8.73 12.87
CA PHE A 36 1.67 9.50 11.65
C PHE A 36 1.17 10.92 11.87
N ASP A 37 1.43 11.79 10.90
CA ASP A 37 0.91 13.15 10.91
C ASP A 37 -0.51 13.18 10.36
N PHE A 38 -1.22 14.27 10.59
CA PHE A 38 -2.60 14.41 10.14
C PHE A 38 -2.74 14.11 8.66
N ASP A 39 -3.63 13.18 8.34
CA ASP A 39 -3.96 12.85 6.94
C ASP A 39 -2.77 12.25 6.20
N SER A 40 -1.73 11.87 6.93
CA SER A 40 -0.53 11.32 6.31
C SER A 40 -0.38 9.82 6.56
N TYR A 41 0.16 9.10 5.58
CA TYR A 41 0.45 7.67 5.73
C TYR A 41 1.91 7.39 5.41
N SER A 42 2.73 8.42 5.53
CA SER A 42 4.16 8.31 5.25
C SER A 42 4.91 7.92 6.51
N VAL A 43 5.74 6.88 6.42
CA VAL A 43 6.54 6.43 7.54
C VAL A 43 7.75 7.34 7.75
N GLN A 44 7.70 8.14 8.80
CA GLN A 44 8.78 9.08 9.14
C GLN A 44 10.11 8.35 9.32
N ASP A 45 11.22 9.09 9.20
CA ASP A 45 12.56 8.50 9.28
C ASP A 45 12.90 7.97 10.68
N GLN A 46 12.26 8.53 11.71
CA GLN A 46 12.57 8.18 13.09
C GLN A 46 12.15 6.74 13.42
N TYR A 47 11.40 6.11 12.52
CA TYR A 47 10.93 4.75 12.74
C TYR A 47 11.73 3.72 11.95
N GLN A 48 12.82 4.16 11.33
CA GLN A 48 13.67 3.26 10.55
C GLN A 48 14.29 2.17 11.42
N ALA A 49 14.85 2.58 12.56
CA ALA A 49 15.47 1.63 13.48
C ALA A 49 14.47 0.61 13.98
N LEU A 50 13.27 1.08 14.35
CA LEU A 50 12.21 0.21 14.83
C LEU A 50 11.84 -0.83 13.79
N LEU A 51 11.63 -0.38 12.54
CA LEU A 51 11.26 -1.28 11.47
C LEU A 51 12.38 -2.26 11.13
N GLN A 52 13.61 -1.75 11.07
CA GLN A 52 14.77 -2.60 10.80
C GLN A 52 14.88 -3.73 11.82
N GLN A 53 14.76 -3.37 13.10
CA GLN A 53 14.86 -4.36 14.17
C GLN A 53 13.79 -5.43 14.05
N HIS A 54 12.55 -5.01 13.93
CA HIS A 54 11.44 -5.95 13.74
C HIS A 54 11.61 -6.77 12.46
N ALA A 55 12.17 -6.16 11.42
CA ALA A 55 12.44 -6.88 10.19
C ALA A 55 13.44 -7.99 10.45
N GLN A 56 14.50 -7.66 11.19
CA GLN A 56 15.54 -8.63 11.54
C GLN A 56 14.97 -9.79 12.35
N TYR A 57 14.07 -9.48 13.27
CA TYR A 57 13.48 -10.51 14.13
C TYR A 57 12.53 -11.41 13.36
N LEU A 58 11.69 -10.82 12.52
CA LEU A 58 10.70 -11.58 11.76
C LEU A 58 11.36 -12.51 10.74
N LYS A 59 12.42 -12.03 10.12
CA LYS A 59 13.14 -12.80 9.11
C LYS A 59 13.82 -14.02 9.69
N SER A 60 14.25 -13.92 10.95
CA SER A 60 14.91 -15.03 11.63
C SER A 60 13.90 -15.90 12.38
N HIS A 61 12.64 -15.45 12.41
CA HIS A 61 11.58 -16.22 13.04
C HIS A 61 10.38 -16.34 12.11
N PRO A 62 10.58 -17.04 10.98
CA PRO A 62 9.61 -17.15 9.89
C PRO A 62 8.26 -17.75 10.32
N GLN A 63 8.20 -18.31 11.52
CA GLN A 63 6.94 -18.83 12.04
C GLN A 63 6.13 -17.75 12.74
N ARG A 64 6.75 -16.60 12.96
CA ARG A 64 6.08 -15.47 13.59
C ARG A 64 5.22 -14.68 12.61
N HIS A 65 3.94 -14.54 12.93
CA HIS A 65 3.03 -13.75 12.12
C HIS A 65 2.62 -12.49 12.89
N ILE A 66 2.36 -11.42 12.15
CA ILE A 66 1.90 -10.18 12.77
C ILE A 66 0.78 -9.53 11.96
N LEU A 67 -0.15 -8.90 12.67
CA LEU A 67 -1.13 -8.03 12.03
C LEU A 67 -0.66 -6.59 12.17
N ILE A 68 -0.59 -5.88 11.06
CA ILE A 68 -0.25 -4.47 11.10
C ILE A 68 -1.56 -3.69 11.07
N GLN A 69 -1.98 -3.22 12.24
CA GLN A 69 -3.27 -2.56 12.38
C GLN A 69 -3.16 -1.04 12.30
N GLY A 70 -3.76 -0.48 11.26
CA GLY A 70 -3.76 0.96 11.06
C GLY A 70 -4.92 1.64 11.75
N ASN A 71 -4.65 2.78 12.36
CA ASN A 71 -5.69 3.55 13.05
C ASN A 71 -5.66 5.02 12.67
N THR A 72 -6.75 5.73 12.94
CA THR A 72 -6.84 7.15 12.63
C THR A 72 -7.55 7.92 13.74
N ASP A 73 -7.47 9.25 13.70
CA ASP A 73 -8.24 10.06 14.66
C ASP A 73 -9.65 10.30 14.12
N GLU A 74 -10.51 10.83 14.98
CA GLU A 74 -11.95 10.91 14.69
C GLU A 74 -12.34 11.78 13.50
N ARG A 75 -11.44 12.66 13.08
CA ARG A 75 -11.75 13.59 12.00
C ARG A 75 -11.93 12.90 10.65
N GLY A 76 -13.05 13.20 9.99
CA GLY A 76 -13.38 12.60 8.70
C GLY A 76 -14.39 11.48 8.84
N THR A 77 -14.94 11.03 7.71
CA THR A 77 -15.94 9.96 7.72
C THR A 77 -15.30 8.63 8.10
N SER A 78 -16.14 7.65 8.44
CA SER A 78 -15.64 6.31 8.74
C SER A 78 -15.03 5.67 7.49
N GLU A 79 -15.76 5.73 6.39
CA GLU A 79 -15.28 5.20 5.11
C GLU A 79 -13.89 5.75 4.80
N TYR A 80 -13.75 7.06 4.92
CA TYR A 80 -12.49 7.72 4.60
C TYR A 80 -11.34 7.25 5.51
N ASN A 81 -11.60 7.22 6.81
CA ASN A 81 -10.59 6.79 7.78
C ASN A 81 -10.26 5.31 7.68
N LEU A 82 -11.24 4.51 7.28
CA LEU A 82 -10.98 3.09 7.05
C LEU A 82 -9.93 2.96 5.95
N ALA A 83 -10.03 3.80 4.93
CA ALA A 83 -9.07 3.80 3.83
C ALA A 83 -7.70 4.33 4.27
N LEU A 84 -7.71 5.44 5.00
CA LEU A 84 -6.48 6.03 5.52
C LEU A 84 -5.77 5.07 6.47
N GLY A 85 -6.54 4.39 7.30
CA GLY A 85 -5.99 3.42 8.23
C GLY A 85 -5.27 2.30 7.49
N GLN A 86 -5.84 1.88 6.37
CA GLN A 86 -5.26 0.81 5.56
C GLN A 86 -3.96 1.28 4.92
N LYS A 87 -3.94 2.52 4.47
CA LYS A 87 -2.75 3.08 3.83
C LYS A 87 -1.57 3.14 4.81
N ARG A 88 -1.87 3.40 6.08
CA ARG A 88 -0.86 3.47 7.12
C ARG A 88 -0.29 2.09 7.46
N ALA A 89 -1.16 1.10 7.54
CA ALA A 89 -0.74 -0.26 7.82
C ALA A 89 0.15 -0.78 6.69
N GLU A 90 -0.25 -0.48 5.46
CA GLU A 90 0.48 -0.95 4.27
C GLU A 90 1.81 -0.23 4.08
N ALA A 91 1.89 1.01 4.56
CA ALA A 91 3.15 1.76 4.49
C ALA A 91 4.19 1.09 5.39
N VAL A 92 3.75 0.61 6.54
CA VAL A 92 4.61 -0.16 7.44
C VAL A 92 4.95 -1.51 6.81
N ARG A 93 3.93 -2.18 6.26
CA ARG A 93 4.11 -3.48 5.63
C ARG A 93 5.14 -3.41 4.51
N ARG A 94 4.98 -2.45 3.61
CA ARG A 94 5.93 -2.26 2.51
C ARG A 94 7.34 -1.99 3.03
N ALA A 95 7.44 -1.24 4.13
CA ALA A 95 8.73 -0.99 4.75
C ALA A 95 9.37 -2.30 5.20
N LEU A 96 8.56 -3.16 5.80
CA LEU A 96 9.04 -4.46 6.26
C LEU A 96 9.35 -5.39 5.08
N SER A 97 8.53 -5.31 4.03
CA SER A 97 8.77 -6.10 2.83
C SER A 97 10.08 -5.71 2.18
N LEU A 98 10.31 -4.40 2.08
CA LEU A 98 11.54 -3.88 1.51
C LEU A 98 12.74 -4.38 2.29
N LEU A 99 12.55 -4.61 3.59
CA LEU A 99 13.64 -5.07 4.45
C LEU A 99 13.81 -6.57 4.40
N GLY A 100 12.94 -7.25 3.66
CA GLY A 100 13.11 -8.67 3.42
C GLY A 100 12.17 -9.58 4.20
N VAL A 101 11.12 -9.01 4.77
CA VAL A 101 10.15 -9.80 5.52
C VAL A 101 9.19 -10.52 4.58
N GLY A 102 9.00 -11.81 4.80
CA GLY A 102 8.15 -12.64 3.95
C GLY A 102 6.70 -12.17 3.90
N ASP A 103 6.08 -12.33 2.74
CA ASP A 103 4.68 -11.94 2.56
CA ASP A 103 4.69 -11.93 2.56
C ASP A 103 3.74 -12.86 3.31
N ALA A 104 4.25 -14.01 3.74
CA ALA A 104 3.45 -14.99 4.45
C ALA A 104 3.37 -14.70 5.94
N GLN A 105 4.15 -13.72 6.39
CA GLN A 105 4.22 -13.39 7.82
C GLN A 105 3.42 -12.13 8.17
N MET A 106 3.00 -11.37 7.15
CA MET A 106 2.36 -10.09 7.40
C MET A 106 0.98 -9.95 6.76
N GLU A 107 0.08 -9.31 7.50
CA GLU A 107 -1.21 -8.88 6.97
C GLU A 107 -1.53 -7.48 7.45
N ALA A 108 -1.73 -6.56 6.51
CA ALA A 108 -2.04 -5.18 6.85
C ALA A 108 -3.55 -4.98 6.92
N VAL A 109 -4.04 -4.57 8.08
CA VAL A 109 -5.47 -4.35 8.28
C VAL A 109 -5.75 -2.95 8.82
N SER A 110 -6.98 -2.47 8.64
CA SER A 110 -7.36 -1.13 9.11
C SER A 110 -8.53 -1.18 10.08
N LEU A 111 -8.38 -0.50 11.20
CA LEU A 111 -9.47 -0.37 12.17
C LEU A 111 -10.11 1.01 12.03
N GLY A 112 -9.55 1.83 11.15
CA GLY A 112 -10.04 3.17 10.93
C GLY A 112 -10.07 3.97 12.22
N LYS A 113 -11.20 4.62 12.49
CA LYS A 113 -11.36 5.37 13.73
C LYS A 113 -12.32 4.67 14.67
N GLU A 114 -12.41 3.35 14.52
CA GLU A 114 -13.32 2.54 15.32
C GLU A 114 -12.80 2.31 16.73
N LYS A 115 -11.49 2.16 16.86
CA LYS A 115 -10.88 1.83 18.15
C LYS A 115 -9.87 2.88 18.59
N PRO A 116 -10.37 4.03 19.06
CA PRO A 116 -9.50 5.10 19.58
C PRO A 116 -8.83 4.67 20.88
N VAL A 117 -7.56 5.02 21.04
CA VAL A 117 -6.84 4.70 22.27
C VAL A 117 -6.87 5.89 23.22
N ALA A 118 -7.08 7.08 22.65
CA ALA A 118 -7.23 8.30 23.42
C ALA A 118 -8.57 8.95 23.09
N LEU A 119 -9.38 9.21 24.11
CA LEU A 119 -10.75 9.65 23.90
C LEU A 119 -10.91 11.18 23.82
N GLY A 120 -9.84 11.91 24.11
CA GLY A 120 -9.90 13.36 24.07
C GLY A 120 -10.18 13.93 22.71
N HIS A 121 -10.72 15.15 22.67
CA HIS A 121 -10.99 15.83 21.41
C HIS A 121 -10.01 16.97 21.20
N ASP A 122 -8.72 16.67 21.32
CA ASP A 122 -7.68 17.68 21.16
C ASP A 122 -6.50 17.12 20.38
N GLU A 123 -5.58 18.00 19.99
CA GLU A 123 -4.45 17.61 19.17
C GLU A 123 -3.63 16.50 19.82
N ALA A 124 -3.49 16.57 21.14
CA ALA A 124 -2.72 15.57 21.88
C ALA A 124 -3.37 14.20 21.79
N SER A 125 -4.68 14.15 21.97
CA SER A 125 -5.42 12.88 21.92
C SER A 125 -5.42 12.31 20.51
N TRP A 126 -5.60 13.17 19.52
CA TRP A 126 -5.68 12.74 18.13
C TRP A 126 -4.38 12.10 17.66
N ALA A 127 -3.26 12.69 18.08
CA ALA A 127 -1.94 12.20 17.67
C ALA A 127 -1.72 10.75 18.13
N GLN A 128 -2.34 10.38 19.24
CA GLN A 128 -2.20 9.04 19.80
C GLN A 128 -3.02 8.03 19.01
N ASN A 129 -3.94 8.54 18.18
CA ASN A 129 -4.81 7.67 17.39
C ASN A 129 -4.36 7.49 15.93
N ARG A 130 -3.50 8.38 15.46
CA ARG A 130 -2.91 8.24 14.14
C ARG A 130 -1.74 7.27 14.24
N ARG A 131 -2.04 5.98 14.18
CA ARG A 131 -1.07 4.96 14.59
C ARG A 131 -1.21 3.66 13.80
N ALA A 132 -0.10 2.93 13.66
CA ALA A 132 -0.11 1.59 13.09
C ALA A 132 0.59 0.65 14.06
N ASP A 133 -0.10 -0.41 14.49
CA ASP A 133 0.45 -1.31 15.48
C ASP A 133 0.99 -2.62 14.90
N LEU A 134 2.18 -3.02 15.33
CA LEU A 134 2.70 -4.34 15.03
C LEU A 134 2.20 -5.33 16.08
N VAL A 135 1.15 -6.07 15.74
CA VAL A 135 0.54 -7.00 16.68
C VAL A 135 0.91 -8.45 16.38
N TYR A 136 1.81 -9.00 17.19
CA TYR A 136 2.28 -10.37 17.00
C TYR A 136 1.21 -11.40 17.35
N GLN A 137 1.03 -12.38 16.47
CA GLN A 137 0.01 -13.41 16.67
C GLN A 137 0.58 -14.61 17.40
N GLN A 138 -0.29 -15.34 18.08
CA GLN A 138 0.12 -16.47 18.90
C GLN A 138 0.63 -17.63 18.06
N THR B 18 -26.68 5.28 -19.75
CA THR B 18 -26.28 6.60 -19.28
C THR B 18 -24.89 6.96 -19.79
N VAL B 19 -24.49 8.22 -19.56
CA VAL B 19 -23.19 8.70 -20.02
C VAL B 19 -22.05 8.03 -19.25
N ASP B 20 -22.20 7.97 -17.93
CA ASP B 20 -21.24 7.26 -17.08
C ASP B 20 -21.77 5.86 -16.83
N PRO B 21 -21.11 4.85 -17.42
CA PRO B 21 -21.57 3.45 -17.39
C PRO B 21 -21.70 2.90 -15.98
N LEU B 22 -20.98 3.48 -15.03
CA LEU B 22 -21.06 3.04 -13.63
C LEU B 22 -22.44 3.34 -13.05
N ASN B 23 -23.17 4.24 -13.70
CA ASN B 23 -24.51 4.61 -13.25
C ASN B 23 -25.61 3.76 -13.87
N ASP B 24 -25.30 3.14 -15.02
CA ASP B 24 -26.25 2.28 -15.71
C ASP B 24 -26.35 0.92 -15.02
N PRO B 25 -27.55 0.60 -14.50
CA PRO B 25 -27.81 -0.65 -13.78
C PRO B 25 -27.86 -1.87 -14.71
N ASN B 26 -27.76 -1.65 -16.01
CA ASN B 26 -27.71 -2.74 -16.98
C ASN B 26 -26.31 -3.00 -17.50
N SER B 27 -25.33 -2.32 -16.90
CA SER B 27 -23.93 -2.54 -17.26
C SER B 27 -23.37 -3.69 -16.44
N PRO B 28 -22.37 -4.40 -17.00
CA PRO B 28 -21.70 -5.46 -16.25
C PRO B 28 -21.08 -4.88 -14.98
N LEU B 29 -20.78 -3.58 -15.02
CA LEU B 29 -20.24 -2.88 -13.86
C LEU B 29 -21.22 -2.85 -12.70
N ALA B 30 -22.47 -3.27 -12.94
CA ALA B 30 -23.46 -3.33 -11.89
C ALA B 30 -23.14 -4.46 -10.91
N LYS B 31 -22.43 -5.48 -11.40
CA LYS B 31 -21.97 -6.57 -10.55
C LYS B 31 -20.67 -6.18 -9.88
N ARG B 32 -20.61 -6.27 -8.55
CA ARG B 32 -19.48 -5.75 -7.80
C ARG B 32 -19.06 -6.63 -6.62
N SER B 33 -19.48 -7.90 -6.65
CA SER B 33 -19.17 -8.83 -5.57
C SER B 33 -18.48 -10.08 -6.09
N VAL B 34 -17.43 -10.49 -5.38
CA VAL B 34 -16.71 -11.71 -5.69
C VAL B 34 -16.80 -12.69 -4.54
N TYR B 35 -17.35 -13.88 -4.80
CA TYR B 35 -17.58 -14.86 -3.75
C TYR B 35 -16.47 -15.91 -3.68
N PHE B 36 -16.27 -16.47 -2.49
CA PHE B 36 -15.19 -17.43 -2.25
C PHE B 36 -15.69 -18.73 -1.64
N ASP B 37 -14.92 -19.80 -1.80
CA ASP B 37 -15.22 -21.07 -1.16
C ASP B 37 -14.84 -21.00 0.32
N PHE B 38 -15.19 -22.04 1.08
CA PHE B 38 -14.90 -22.06 2.51
C PHE B 38 -13.40 -21.92 2.79
N ASP B 39 -13.05 -20.97 3.65
CA ASP B 39 -11.67 -20.83 4.09
C ASP B 39 -10.73 -20.59 2.92
N SER B 40 -11.26 -20.04 1.84
CA SER B 40 -10.45 -19.75 0.66
C SER B 40 -10.46 -18.27 0.29
N TYR B 41 -9.35 -17.81 -0.30
CA TYR B 41 -9.28 -16.46 -0.85
C TYR B 41 -8.84 -16.47 -2.31
N SER B 42 -9.14 -17.57 -3.00
CA SER B 42 -8.83 -17.70 -4.42
C SER B 42 -9.95 -17.14 -5.28
N VAL B 43 -9.59 -16.33 -6.26
CA VAL B 43 -10.58 -15.75 -7.17
C VAL B 43 -10.96 -16.75 -8.27
N GLN B 44 -12.21 -17.20 -8.23
CA GLN B 44 -12.70 -18.20 -9.17
C GLN B 44 -12.79 -17.64 -10.59
N ASP B 45 -12.56 -18.51 -11.58
CA ASP B 45 -12.55 -18.10 -12.97
C ASP B 45 -13.82 -17.37 -13.39
N GLN B 46 -14.94 -17.75 -12.80
CA GLN B 46 -16.22 -17.17 -13.18
C GLN B 46 -16.34 -15.68 -12.88
N TYR B 47 -15.37 -15.14 -12.13
CA TYR B 47 -15.39 -13.72 -11.79
C TYR B 47 -14.38 -12.89 -12.60
N GLN B 48 -13.68 -13.54 -13.51
CA GLN B 48 -12.68 -12.85 -14.32
C GLN B 48 -13.28 -11.73 -15.16
N ALA B 49 -14.41 -12.01 -15.82
CA ALA B 49 -15.06 -11.02 -16.65
C ALA B 49 -15.40 -9.76 -15.84
N LEU B 50 -16.01 -9.97 -14.67
CA LEU B 50 -16.35 -8.86 -13.79
C LEU B 50 -15.13 -8.02 -13.45
N LEU B 51 -14.01 -8.69 -13.14
CA LEU B 51 -12.79 -7.98 -12.76
C LEU B 51 -12.16 -7.26 -13.95
N GLN B 52 -12.27 -7.85 -15.13
CA GLN B 52 -11.75 -7.23 -16.34
C GLN B 52 -12.56 -6.00 -16.72
N GLN B 53 -13.88 -6.07 -16.51
CA GLN B 53 -14.77 -4.96 -16.81
CA GLN B 53 -14.77 -4.96 -16.81
C GLN B 53 -14.49 -3.79 -15.89
N HIS B 54 -14.40 -4.07 -14.59
CA HIS B 54 -14.13 -3.02 -13.62
C HIS B 54 -12.71 -2.47 -13.75
N ALA B 55 -11.75 -3.34 -14.06
CA ALA B 55 -10.38 -2.89 -14.27
C ALA B 55 -10.32 -1.90 -15.42
N GLN B 56 -11.05 -2.22 -16.49
CA GLN B 56 -11.12 -1.35 -17.66
C GLN B 56 -11.72 0.00 -17.30
N TYR B 57 -12.81 -0.04 -16.55
CA TYR B 57 -13.49 1.18 -16.14
C TYR B 57 -12.61 2.04 -15.25
N LEU B 58 -11.99 1.44 -14.25
CA LEU B 58 -11.12 2.17 -13.32
C LEU B 58 -9.89 2.78 -14.01
N LYS B 59 -9.29 2.02 -14.92
CA LYS B 59 -8.11 2.50 -15.64
C LYS B 59 -8.42 3.71 -16.50
N SER B 60 -9.67 3.85 -16.90
CA SER B 60 -10.07 4.94 -17.79
C SER B 60 -10.80 6.07 -17.05
N HIS B 61 -10.97 5.90 -15.74
CA HIS B 61 -11.62 6.92 -14.91
C HIS B 61 -10.78 7.18 -13.66
N PRO B 62 -9.77 8.05 -13.79
CA PRO B 62 -8.77 8.33 -12.76
C PRO B 62 -9.36 8.91 -11.47
N GLN B 63 -10.52 9.56 -11.55
CA GLN B 63 -11.13 10.15 -10.36
C GLN B 63 -11.94 9.14 -9.56
N ARG B 64 -12.08 7.93 -10.10
CA ARG B 64 -12.82 6.87 -9.42
C ARG B 64 -11.94 6.10 -8.44
N HIS B 65 -12.45 5.92 -7.23
CA HIS B 65 -11.75 5.16 -6.20
C HIS B 65 -12.68 4.11 -5.61
N ILE B 66 -12.12 2.98 -5.18
CA ILE B 66 -12.93 1.91 -4.62
C ILE B 66 -12.32 1.33 -3.35
N LEU B 67 -13.18 0.97 -2.42
CA LEU B 67 -12.78 0.18 -1.26
C LEU B 67 -13.13 -1.28 -1.51
N ILE B 68 -12.11 -2.13 -1.57
CA ILE B 68 -12.34 -3.56 -1.72
C ILE B 68 -12.56 -4.17 -0.34
N GLN B 69 -13.82 -4.45 -0.01
CA GLN B 69 -14.16 -4.92 1.32
C GLN B 69 -14.36 -6.43 1.38
N GLY B 70 -13.45 -7.13 2.06
CA GLY B 70 -13.52 -8.56 2.21
C GLY B 70 -14.33 -8.98 3.42
N ASN B 71 -15.19 -9.98 3.24
CA ASN B 71 -16.03 -10.49 4.30
C ASN B 71 -15.87 -12.00 4.47
N THR B 72 -16.33 -12.52 5.60
CA THR B 72 -16.25 -13.95 5.89
C THR B 72 -17.53 -14.40 6.56
N ASP B 73 -17.72 -15.72 6.67
CA ASP B 73 -18.83 -16.24 7.46
C ASP B 73 -18.41 -16.36 8.93
N GLU B 74 -19.35 -16.71 9.78
CA GLU B 74 -19.11 -16.71 11.23
C GLU B 74 -18.10 -17.74 11.72
N ARG B 75 -18.05 -18.89 11.06
CA ARG B 75 -17.19 -19.99 11.50
C ARG B 75 -15.72 -19.54 11.62
N GLY B 76 -15.18 -19.65 12.83
CA GLY B 76 -13.80 -19.31 13.06
C GLY B 76 -13.61 -18.08 13.93
N THR B 77 -12.39 -17.89 14.42
CA THR B 77 -12.06 -16.75 15.26
C THR B 77 -12.25 -15.42 14.53
N SER B 78 -12.39 -14.34 15.29
CA SER B 78 -12.49 -13.01 14.71
C SER B 78 -11.17 -12.63 14.04
N GLU B 79 -10.06 -12.80 14.77
CA GLU B 79 -8.75 -12.45 14.24
C GLU B 79 -8.49 -13.21 12.95
N TYR B 80 -8.77 -14.51 12.97
CA TYR B 80 -8.56 -15.35 11.78
C TYR B 80 -9.46 -14.95 10.61
N ASN B 81 -10.73 -14.71 10.88
CA ASN B 81 -11.65 -14.22 9.87
C ASN B 81 -11.33 -12.79 9.42
N LEU B 82 -10.66 -12.04 10.27
CA LEU B 82 -10.19 -10.71 9.92
C LEU B 82 -9.08 -10.81 8.89
N ALA B 83 -8.13 -11.70 9.16
CA ALA B 83 -7.00 -11.93 8.27
C ALA B 83 -7.46 -12.52 6.94
N LEU B 84 -8.40 -13.47 7.01
CA LEU B 84 -8.95 -14.08 5.81
C LEU B 84 -9.66 -13.03 4.94
N GLY B 85 -10.49 -12.20 5.56
CA GLY B 85 -11.19 -11.14 4.86
C GLY B 85 -10.23 -10.24 4.12
N GLN B 86 -9.13 -9.90 4.77
CA GLN B 86 -8.11 -9.05 4.16
C GLN B 86 -7.48 -9.73 2.95
N LYS B 87 -7.20 -11.02 3.07
CA LYS B 87 -6.61 -11.79 2.00
C LYS B 87 -7.54 -11.84 0.79
N ARG B 88 -8.84 -11.95 1.05
CA ARG B 88 -9.83 -11.97 -0.01
C ARG B 88 -9.88 -10.64 -0.76
N ALA B 89 -9.80 -9.55 -0.02
CA ALA B 89 -9.81 -8.21 -0.61
C ALA B 89 -8.52 -7.95 -1.38
N GLU B 90 -7.40 -8.42 -0.82
CA GLU B 90 -6.11 -8.28 -1.48
C GLU B 90 -6.00 -9.17 -2.72
N ALA B 91 -6.78 -10.24 -2.77
CA ALA B 91 -6.78 -11.11 -3.95
C ALA B 91 -7.47 -10.40 -5.10
N VAL B 92 -8.52 -9.64 -4.78
CA VAL B 92 -9.22 -8.83 -5.78
C VAL B 92 -8.35 -7.66 -6.21
N ARG B 93 -7.68 -7.03 -5.25
CA ARG B 93 -6.77 -5.93 -5.52
C ARG B 93 -5.64 -6.37 -6.43
N ARG B 94 -5.08 -7.55 -6.15
CA ARG B 94 -3.98 -8.09 -6.94
C ARG B 94 -4.42 -8.35 -8.37
N ALA B 95 -5.63 -8.89 -8.53
CA ALA B 95 -6.20 -9.14 -9.85
C ALA B 95 -6.35 -7.85 -10.67
N LEU B 96 -6.98 -6.84 -10.06
CA LEU B 96 -7.19 -5.57 -10.74
C LEU B 96 -5.87 -4.91 -11.10
N SER B 97 -4.90 -5.03 -10.20
CA SER B 97 -3.57 -4.46 -10.40
C SER B 97 -2.88 -5.08 -11.61
N LEU B 98 -2.94 -6.41 -11.69
CA LEU B 98 -2.37 -7.12 -12.83
C LEU B 98 -3.05 -6.69 -14.12
N LEU B 99 -4.33 -6.31 -14.01
CA LEU B 99 -5.09 -5.86 -15.17
C LEU B 99 -4.81 -4.40 -15.52
N GLY B 100 -3.94 -3.77 -14.74
CA GLY B 100 -3.48 -2.42 -15.04
C GLY B 100 -3.99 -1.32 -14.12
N VAL B 101 -4.92 -1.66 -13.22
CA VAL B 101 -5.46 -0.66 -12.30
C VAL B 101 -4.41 -0.16 -11.31
N GLY B 102 -4.37 1.16 -11.10
CA GLY B 102 -3.41 1.75 -10.19
C GLY B 102 -3.83 1.62 -8.74
N ASP B 103 -2.88 1.27 -7.87
CA ASP B 103 -3.17 1.11 -6.46
CA ASP B 103 -3.17 1.11 -6.46
C ASP B 103 -3.70 2.38 -5.83
N ALA B 104 -3.49 3.52 -6.50
CA ALA B 104 -3.97 4.79 -6.00
C ALA B 104 -5.49 4.85 -5.97
N GLN B 105 -6.14 4.00 -6.77
CA GLN B 105 -7.59 4.06 -6.92
C GLN B 105 -8.32 2.97 -6.13
N MET B 106 -7.59 2.24 -5.30
CA MET B 106 -8.18 1.12 -4.57
C MET B 106 -7.48 0.78 -3.27
N GLU B 107 -8.27 0.34 -2.28
CA GLU B 107 -7.72 -0.09 -1.00
C GLU B 107 -8.36 -1.39 -0.56
N ALA B 108 -7.53 -2.42 -0.38
CA ALA B 108 -8.01 -3.69 0.15
C ALA B 108 -8.25 -3.57 1.65
N VAL B 109 -9.50 -3.72 2.05
CA VAL B 109 -9.88 -3.62 3.44
C VAL B 109 -10.66 -4.86 3.89
N SER B 110 -10.63 -5.13 5.19
CA SER B 110 -11.29 -6.32 5.73
C SER B 110 -12.36 -5.97 6.76
N LEU B 111 -13.47 -6.70 6.71
CA LEU B 111 -14.54 -6.54 7.70
C LEU B 111 -14.71 -7.84 8.48
N GLY B 112 -13.83 -8.81 8.22
CA GLY B 112 -13.90 -10.10 8.87
C GLY B 112 -15.32 -10.66 8.85
N LYS B 113 -15.74 -11.21 9.99
CA LYS B 113 -17.10 -11.71 10.12
C LYS B 113 -17.97 -10.70 10.88
N GLU B 114 -17.73 -9.42 10.62
CA GLU B 114 -18.41 -8.35 11.35
C GLU B 114 -19.74 -7.95 10.71
N LYS B 115 -19.75 -7.80 9.39
CA LYS B 115 -20.94 -7.32 8.68
C LYS B 115 -21.53 -8.39 7.77
N PRO B 116 -22.10 -9.45 8.36
CA PRO B 116 -22.73 -10.52 7.59
C PRO B 116 -24.03 -10.04 6.93
N VAL B 117 -24.24 -10.42 5.67
CA VAL B 117 -25.46 -10.10 4.97
C VAL B 117 -26.52 -11.15 5.28
N ALA B 118 -26.09 -12.39 5.41
CA ALA B 118 -26.97 -13.49 5.82
C ALA B 118 -26.63 -13.90 7.25
N LEU B 119 -27.66 -14.11 8.06
CA LEU B 119 -27.45 -14.42 9.47
C LEU B 119 -27.83 -15.85 9.82
N GLY B 120 -28.28 -16.62 8.82
CA GLY B 120 -28.59 -18.01 9.02
C GLY B 120 -27.36 -18.80 9.42
N HIS B 121 -27.57 -19.88 10.15
CA HIS B 121 -26.47 -20.73 10.59
C HIS B 121 -26.34 -21.96 9.71
N ASP B 122 -26.33 -21.74 8.40
CA ASP B 122 -26.19 -22.81 7.42
C ASP B 122 -25.39 -22.34 6.22
N GLU B 123 -24.90 -23.30 5.42
CA GLU B 123 -24.08 -22.97 4.27
C GLU B 123 -24.77 -21.98 3.34
N ALA B 124 -26.09 -22.06 3.27
CA ALA B 124 -26.87 -21.19 2.40
C ALA B 124 -26.61 -19.71 2.70
N SER B 125 -26.40 -19.39 3.96
CA SER B 125 -26.12 -18.01 4.36
C SER B 125 -24.62 -17.75 4.45
N TRP B 126 -23.88 -18.74 4.91
CA TRP B 126 -22.42 -18.63 5.04
C TRP B 126 -21.77 -18.28 3.71
N ALA B 127 -22.30 -18.87 2.63
CA ALA B 127 -21.75 -18.64 1.30
C ALA B 127 -21.89 -17.20 0.85
N GLN B 128 -22.93 -16.51 1.33
CA GLN B 128 -23.20 -15.14 0.93
C GLN B 128 -22.26 -14.16 1.64
N ASN B 129 -21.66 -14.61 2.74
CA ASN B 129 -20.79 -13.76 3.54
C ASN B 129 -19.31 -13.94 3.23
N ARG B 130 -18.97 -15.02 2.54
CA ARG B 130 -17.62 -15.20 2.04
C ARG B 130 -17.53 -14.43 0.73
N ARG B 131 -17.31 -13.13 0.85
CA ARG B 131 -17.51 -12.22 -0.28
C ARG B 131 -16.60 -11.01 -0.19
N ALA B 132 -16.17 -10.52 -1.35
CA ALA B 132 -15.40 -9.29 -1.44
C ALA B 132 -16.11 -8.31 -2.38
N ASP B 133 -16.36 -7.10 -1.89
CA ASP B 133 -17.15 -6.12 -2.64
C ASP B 133 -16.29 -5.00 -3.20
N LEU B 134 -16.51 -4.65 -4.46
CA LEU B 134 -15.90 -3.46 -5.03
C LEU B 134 -16.82 -2.26 -4.74
N VAL B 135 -16.48 -1.51 -3.70
CA VAL B 135 -17.33 -0.42 -3.25
C VAL B 135 -16.80 0.93 -3.73
N TYR B 136 -17.49 1.53 -4.69
CA TYR B 136 -17.10 2.82 -5.23
C TYR B 136 -17.41 3.96 -4.27
N GLN B 137 -16.42 4.82 -4.03
CA GLN B 137 -16.55 5.92 -3.09
C GLN B 137 -16.89 7.23 -3.78
N ASP C 20 32.79 -3.48 -12.86
CA ASP C 20 31.80 -2.61 -12.25
C ASP C 20 30.43 -2.83 -12.87
N PRO C 21 29.53 -3.49 -12.13
CA PRO C 21 28.20 -3.90 -12.61
C PRO C 21 27.26 -2.72 -12.89
N LEU C 22 27.68 -1.50 -12.55
CA LEU C 22 26.87 -0.33 -12.80
C LEU C 22 26.79 -0.02 -14.29
N ASN C 23 27.91 -0.25 -14.98
CA ASN C 23 27.99 -0.01 -16.42
C ASN C 23 27.58 -1.23 -17.24
N ASP C 24 27.22 -2.31 -16.56
CA ASP C 24 26.76 -3.52 -17.22
C ASP C 24 25.33 -3.34 -17.71
N PRO C 25 25.13 -3.43 -19.03
CA PRO C 25 23.83 -3.21 -19.67
C PRO C 25 22.80 -4.27 -19.29
N ASN C 26 23.26 -5.43 -18.83
CA ASN C 26 22.35 -6.50 -18.47
C ASN C 26 22.19 -6.70 -16.96
N SER C 27 22.86 -5.86 -16.18
CA SER C 27 22.73 -5.88 -14.73
C SER C 27 21.42 -5.20 -14.32
N PRO C 28 20.83 -5.64 -13.19
CA PRO C 28 19.60 -5.03 -12.68
C PRO C 28 19.79 -3.54 -12.41
N LEU C 29 21.03 -3.15 -12.13
CA LEU C 29 21.35 -1.74 -11.90
C LEU C 29 21.14 -0.90 -13.16
N ALA C 30 20.83 -1.57 -14.27
CA ALA C 30 20.62 -0.88 -15.54
C ALA C 30 19.36 -0.02 -15.49
N LYS C 31 18.35 -0.50 -14.78
CA LYS C 31 17.10 0.22 -14.61
C LYS C 31 17.22 1.20 -13.44
N ARG C 32 16.91 2.48 -13.71
CA ARG C 32 17.14 3.52 -12.71
C ARG C 32 16.00 4.54 -12.68
N SER C 33 14.77 4.06 -12.82
CA SER C 33 13.60 4.93 -12.79
C SER C 33 12.44 4.29 -12.04
N VAL C 34 11.78 5.10 -11.20
CA VAL C 34 10.60 4.64 -10.47
C VAL C 34 9.38 5.44 -10.94
N TYR C 35 8.31 4.72 -11.24
CA TYR C 35 7.09 5.37 -11.74
C TYR C 35 5.98 5.37 -10.69
N PHE C 36 5.11 6.37 -10.78
CA PHE C 36 4.05 6.54 -9.79
C PHE C 36 2.67 6.67 -10.44
N ASP C 37 1.64 6.38 -9.67
CA ASP C 37 0.26 6.58 -10.12
C ASP C 37 -0.03 8.06 -10.21
N PHE C 38 -1.17 8.41 -10.78
CA PHE C 38 -1.57 9.80 -10.89
C PHE C 38 -1.71 10.45 -9.52
N ASP C 39 -0.97 11.53 -9.30
CA ASP C 39 -1.05 12.30 -8.06
C ASP C 39 -0.57 11.49 -6.85
N SER C 40 0.29 10.51 -7.10
CA SER C 40 0.83 9.67 -6.03
C SER C 40 2.35 9.79 -5.91
N TYR C 41 2.83 9.87 -4.66
CA TYR C 41 4.27 9.89 -4.41
C TYR C 41 4.73 8.62 -3.70
N SER C 42 3.86 7.61 -3.66
CA SER C 42 4.17 6.35 -2.97
C SER C 42 5.01 5.43 -3.85
N VAL C 43 6.01 4.80 -3.24
CA VAL C 43 6.86 3.83 -3.93
C VAL C 43 6.18 2.47 -4.00
N GLN C 44 5.71 2.11 -5.19
CA GLN C 44 4.95 0.87 -5.39
C GLN C 44 5.79 -0.38 -5.14
N ASP C 45 5.11 -1.48 -4.83
CA ASP C 45 5.78 -2.75 -4.54
C ASP C 45 6.71 -3.20 -5.66
N GLN C 46 6.28 -3.02 -6.90
CA GLN C 46 6.99 -3.57 -8.04
C GLN C 46 8.44 -3.09 -8.15
N TYR C 47 8.77 -1.96 -7.53
CA TYR C 47 10.12 -1.44 -7.59
C TYR C 47 10.94 -1.87 -6.37
N GLN C 48 10.42 -2.85 -5.64
CA GLN C 48 11.08 -3.34 -4.44
C GLN C 48 12.47 -3.92 -4.72
N ALA C 49 12.53 -4.86 -5.65
CA ALA C 49 13.80 -5.49 -6.02
C ALA C 49 14.78 -4.45 -6.56
N LEU C 50 14.28 -3.55 -7.40
CA LEU C 50 15.10 -2.52 -8.01
C LEU C 50 15.81 -1.69 -6.93
N LEU C 51 15.05 -1.23 -5.94
CA LEU C 51 15.61 -0.44 -4.86
C LEU C 51 16.58 -1.25 -3.99
N GLN C 52 16.26 -2.52 -3.77
CA GLN C 52 17.14 -3.40 -3.00
C GLN C 52 18.49 -3.56 -3.70
N GLN C 53 18.46 -3.72 -5.02
CA GLN C 53 19.68 -3.88 -5.80
C GLN C 53 20.58 -2.64 -5.73
N HIS C 54 19.99 -1.47 -5.92
CA HIS C 54 20.73 -0.22 -5.89
C HIS C 54 21.29 0.08 -4.50
N ALA C 55 20.48 -0.17 -3.47
CA ALA C 55 20.92 0.02 -2.10
C ALA C 55 22.15 -0.84 -1.81
N GLN C 56 22.05 -2.11 -2.20
CA GLN C 56 23.17 -3.04 -2.05
C GLN C 56 24.42 -2.52 -2.74
N TYR C 57 24.26 -1.97 -3.94
CA TYR C 57 25.39 -1.47 -4.70
C TYR C 57 25.96 -0.18 -4.07
N LEU C 58 25.07 0.75 -3.76
CA LEU C 58 25.47 2.00 -3.11
C LEU C 58 26.18 1.74 -1.78
N LYS C 59 25.74 0.72 -1.05
CA LYS C 59 26.33 0.39 0.24
C LYS C 59 27.73 -0.17 0.08
N SER C 60 27.95 -0.92 -0.98
CA SER C 60 29.24 -1.56 -1.23
C SER C 60 30.20 -0.65 -2.01
N HIS C 61 29.70 0.51 -2.42
CA HIS C 61 30.51 1.48 -3.14
C HIS C 61 30.25 2.90 -2.64
N PRO C 62 30.73 3.21 -1.42
CA PRO C 62 30.50 4.49 -0.74
C PRO C 62 30.98 5.68 -1.57
N GLN C 63 31.80 5.42 -2.58
CA GLN C 63 32.28 6.46 -3.47
C GLN C 63 31.23 6.79 -4.53
N ARG C 64 30.11 6.07 -4.50
CA ARG C 64 29.03 6.29 -5.44
C ARG C 64 27.99 7.26 -4.90
N HIS C 65 27.77 8.35 -5.64
CA HIS C 65 26.75 9.32 -5.30
C HIS C 65 25.68 9.37 -6.38
N ILE C 66 24.42 9.48 -5.97
CA ILE C 66 23.31 9.54 -6.92
C ILE C 66 22.44 10.77 -6.68
N LEU C 67 21.98 11.38 -7.76
CA LEU C 67 20.99 12.44 -7.68
C LEU C 67 19.62 11.85 -7.99
N ILE C 68 18.65 12.13 -7.12
CA ILE C 68 17.31 11.59 -7.32
C ILE C 68 16.34 12.66 -7.79
N GLN C 69 16.09 12.69 -9.09
CA GLN C 69 15.23 13.69 -9.71
C GLN C 69 13.79 13.20 -9.82
N GLY C 70 12.85 14.00 -9.30
CA GLY C 70 11.44 13.66 -9.39
C GLY C 70 10.76 14.43 -10.51
N ASN C 71 9.82 13.78 -11.17
CA ASN C 71 9.08 14.39 -12.27
C ASN C 71 7.58 14.10 -12.20
N THR C 72 6.80 14.84 -12.96
CA THR C 72 5.34 14.68 -12.96
C THR C 72 4.78 14.95 -14.35
N ASP C 73 3.53 14.54 -14.58
CA ASP C 73 2.86 14.85 -15.83
C ASP C 73 2.33 16.28 -15.78
N GLU C 74 1.96 16.83 -16.93
CA GLU C 74 1.59 18.23 -17.04
C GLU C 74 0.38 18.64 -16.20
N ARG C 75 -0.57 17.72 -16.01
CA ARG C 75 -1.77 18.01 -15.24
C ARG C 75 -1.44 18.64 -13.88
N GLY C 76 -1.86 19.89 -13.69
CA GLY C 76 -1.66 20.57 -12.43
C GLY C 76 -0.72 21.76 -12.53
N THR C 77 -0.66 22.53 -11.45
CA THR C 77 0.17 23.72 -11.38
C THR C 77 1.65 23.39 -11.33
N SER C 78 2.48 24.25 -11.91
CA SER C 78 3.93 24.04 -11.91
C SER C 78 4.48 23.99 -10.50
N GLU C 79 3.92 24.81 -9.61
CA GLU C 79 4.33 24.85 -8.21
C GLU C 79 3.89 23.58 -7.48
N TYR C 80 2.71 23.08 -7.83
CA TYR C 80 2.17 21.87 -7.22
C TYR C 80 2.99 20.65 -7.62
N ASN C 81 3.35 20.57 -8.89
CA ASN C 81 4.11 19.45 -9.41
C ASN C 81 5.56 19.46 -8.93
N LEU C 82 6.12 20.65 -8.72
CA LEU C 82 7.45 20.78 -8.17
C LEU C 82 7.48 20.12 -6.80
N ALA C 83 6.42 20.36 -6.03
CA ALA C 83 6.25 19.75 -4.72
C ALA C 83 6.09 18.24 -4.87
N LEU C 84 5.15 17.83 -5.72
CA LEU C 84 4.91 16.42 -5.96
C LEU C 84 6.18 15.72 -6.42
N GLY C 85 6.92 16.38 -7.31
CA GLY C 85 8.18 15.87 -7.80
C GLY C 85 9.19 15.66 -6.69
N GLN C 86 9.19 16.55 -5.71
CA GLN C 86 10.11 16.45 -4.58
C GLN C 86 9.70 15.32 -3.63
N LYS C 87 8.40 15.13 -3.45
CA LYS C 87 7.89 14.05 -2.63
C LYS C 87 8.25 12.70 -3.22
N ARG C 88 8.20 12.61 -4.55
CA ARG C 88 8.51 11.37 -5.25
C ARG C 88 9.99 11.01 -5.13
N ALA C 89 10.85 12.03 -5.21
CA ALA C 89 12.29 11.82 -5.08
C ALA C 89 12.64 11.42 -3.65
N GLU C 90 11.94 12.02 -2.69
CA GLU C 90 12.18 11.74 -1.28
C GLU C 90 11.63 10.39 -0.86
N ALA C 91 10.54 9.95 -1.49
CA ALA C 91 9.97 8.65 -1.18
C ALA C 91 10.97 7.56 -1.53
N VAL C 92 11.73 7.79 -2.59
CA VAL C 92 12.77 6.87 -3.03
C VAL C 92 13.96 6.92 -2.08
N ARG C 93 14.37 8.14 -1.72
CA ARG C 93 15.50 8.32 -0.81
C ARG C 93 15.26 7.61 0.53
N ARG C 94 14.05 7.78 1.08
CA ARG C 94 13.69 7.12 2.34
C ARG C 94 13.73 5.61 2.18
N ALA C 95 13.29 5.13 1.02
CA ALA C 95 13.34 3.70 0.72
C ALA C 95 14.77 3.19 0.74
N LEU C 96 15.67 3.94 0.11
CA LEU C 96 17.07 3.56 0.07
C LEU C 96 17.73 3.75 1.43
N SER C 97 17.34 4.80 2.14
CA SER C 97 17.89 5.09 3.45
C SER C 97 17.53 3.98 4.45
N LEU C 98 16.29 3.51 4.38
CA LEU C 98 15.86 2.39 5.21
C LEU C 98 16.67 1.14 4.89
N LEU C 99 17.20 1.08 3.67
CA LEU C 99 18.00 -0.07 3.24
C LEU C 99 19.47 0.09 3.61
N GLY C 100 19.78 1.15 4.36
CA GLY C 100 21.12 1.33 4.89
C GLY C 100 22.02 2.25 4.07
N VAL C 101 21.48 2.81 2.99
CA VAL C 101 22.26 3.71 2.15
C VAL C 101 22.58 5.00 2.89
N GLY C 102 23.84 5.46 2.78
CA GLY C 102 24.29 6.64 3.48
C GLY C 102 23.66 7.93 2.95
N ASP C 103 23.35 8.83 3.87
CA ASP C 103 22.73 10.10 3.53
C ASP C 103 23.60 10.92 2.58
N ALA C 104 24.92 10.80 2.75
CA ALA C 104 25.85 11.56 1.92
C ALA C 104 25.83 11.12 0.46
N GLN C 105 25.45 9.87 0.23
CA GLN C 105 25.44 9.31 -1.12
C GLN C 105 24.20 9.72 -1.91
N MET C 106 23.26 10.38 -1.25
CA MET C 106 21.98 10.70 -1.89
C MET C 106 21.57 12.17 -1.78
N GLU C 107 21.01 12.69 -2.86
CA GLU C 107 20.38 14.00 -2.86
C GLU C 107 19.07 13.94 -3.65
N ALA C 108 18.01 14.46 -3.05
CA ALA C 108 16.69 14.44 -3.67
C ALA C 108 16.30 15.83 -4.19
N VAL C 109 16.12 15.94 -5.50
CA VAL C 109 15.71 17.20 -6.12
C VAL C 109 14.45 17.01 -6.95
N SER C 110 13.83 18.11 -7.35
CA SER C 110 12.60 18.04 -8.13
C SER C 110 12.68 18.85 -9.42
N LEU C 111 12.16 18.29 -10.50
CA LEU C 111 12.11 18.97 -11.78
C LEU C 111 10.66 19.30 -12.13
N GLY C 112 9.76 19.03 -11.19
CA GLY C 112 8.34 19.26 -11.40
C GLY C 112 7.86 18.66 -12.70
N LYS C 113 7.04 19.40 -13.42
CA LYS C 113 6.52 18.95 -14.71
C LYS C 113 7.26 19.64 -15.85
N GLU C 114 8.32 20.37 -15.50
CA GLU C 114 9.05 21.20 -16.45
C GLU C 114 9.84 20.41 -17.49
N LYS C 115 10.29 19.19 -17.16
CA LYS C 115 11.09 18.40 -18.09
C LYS C 115 10.47 17.05 -18.40
N PRO C 116 9.43 17.06 -19.14
CA PRO C 116 8.72 15.83 -19.51
C PRO C 116 9.50 15.00 -20.54
N VAL C 117 9.42 13.69 -20.41
CA VAL C 117 10.04 12.78 -21.37
C VAL C 117 9.11 12.59 -22.57
N ALA C 118 7.86 12.20 -22.27
CA ALA C 118 6.83 12.09 -23.29
C ALA C 118 6.10 13.41 -23.44
N LEU C 119 6.08 13.95 -24.66
CA LEU C 119 5.50 15.26 -24.93
C LEU C 119 4.01 15.18 -25.29
N GLY C 120 3.50 13.97 -25.43
CA GLY C 120 2.09 13.77 -25.71
C GLY C 120 1.20 14.27 -24.59
N HIS C 121 -0.09 14.43 -24.89
CA HIS C 121 -1.04 14.94 -23.91
C HIS C 121 -2.11 13.90 -23.58
N ASP C 122 -1.68 12.66 -23.41
CA ASP C 122 -2.59 11.59 -23.03
C ASP C 122 -1.96 10.71 -21.95
N GLU C 123 -2.74 9.78 -21.40
CA GLU C 123 -2.25 8.91 -20.34
C GLU C 123 -0.99 8.14 -20.76
N ALA C 124 -0.91 7.82 -22.05
CA ALA C 124 0.23 7.07 -22.56
C ALA C 124 1.55 7.82 -22.36
N SER C 125 1.49 9.15 -22.44
CA SER C 125 2.67 9.98 -22.26
C SER C 125 2.85 10.40 -20.80
N TRP C 126 1.74 10.78 -20.17
CA TRP C 126 1.76 11.22 -18.78
C TRP C 126 2.42 10.19 -17.88
N ALA C 127 2.04 8.93 -18.07
CA ALA C 127 2.56 7.83 -17.25
C ALA C 127 4.09 7.80 -17.23
N GLN C 128 4.70 8.16 -18.37
CA GLN C 128 6.16 8.13 -18.48
C GLN C 128 6.79 9.32 -17.77
N ASN C 129 5.98 10.34 -17.47
CA ASN C 129 6.49 11.57 -16.86
C ASN C 129 6.36 11.58 -15.34
N ARG C 130 5.46 10.77 -14.81
CA ARG C 130 5.35 10.59 -13.37
C ARG C 130 6.43 9.61 -12.95
N ARG C 131 7.63 10.13 -12.76
CA ARG C 131 8.82 9.28 -12.65
C ARG C 131 9.91 9.90 -11.77
N ALA C 132 10.73 9.03 -11.17
CA ALA C 132 11.88 9.48 -10.39
C ALA C 132 13.12 8.73 -10.86
N ASP C 133 14.14 9.48 -11.26
CA ASP C 133 15.36 8.87 -11.79
C ASP C 133 16.50 8.84 -10.77
N LEU C 134 17.16 7.68 -10.69
CA LEU C 134 18.39 7.56 -9.91
C LEU C 134 19.57 7.86 -10.82
N VAL C 135 20.06 9.10 -10.74
CA VAL C 135 21.12 9.55 -11.63
C VAL C 135 22.49 9.47 -10.95
N TYR C 136 23.18 8.37 -11.17
CA TYR C 136 24.52 8.17 -10.61
C TYR C 136 25.49 9.22 -11.13
N GLN C 137 26.42 9.63 -10.26
CA GLN C 137 27.40 10.65 -10.61
C GLN C 137 28.78 10.29 -10.08
#